data_8SVJ
#
_entry.id   8SVJ
#
_cell.length_a   39.98
_cell.length_b   46.92
_cell.length_c   90.57
_cell.angle_alpha   90
_cell.angle_beta   90
_cell.angle_gamma   90
#
_symmetry.space_group_name_H-M   'P 21 21 21'
#
loop_
_entity.id
_entity.type
_entity.pdbx_description
1 polymer 'Tumor protein p53 binding protein 1'
2 polymer 'Ubiquitin varient i53 mutant VHH'
3 non-polymer GLYCEROL
4 water water
#
loop_
_entity_poly.entity_id
_entity_poly.type
_entity_poly.pdbx_seq_one_letter_code
_entity_poly.pdbx_strand_id
1 'polypeptide(L)'
;GPGSNSFVGLRVVAKWSSNGYFYSGKITRDVGAGKYKLLFDDGYECDVLGKDILLCDPIPLDTEVTALSEDEYFSAGVVK
GHRKESGELYYSIEKEGQRKWYKRMAVILSLEQGNRLREQYGLG
;
A
2 'polypeptide(L)' GPGSMLIFVKTLTGKVIHLEVEPSDTIENVKAKIQDKEGIPPDQQRLAFAGKSLEDGRTLSDYNILKDSKHHPLLRLR B
#
loop_
_chem_comp.id
_chem_comp.type
_chem_comp.name
_chem_comp.formula
GOL non-polymer GLYCEROL 'C3 H8 O3'
#
# COMPACT_ATOMS: atom_id res chain seq x y z
N SER A 6 -18.31 -11.84 15.02
CA SER A 6 -17.57 -13.07 14.62
C SER A 6 -16.53 -12.76 13.55
N PHE A 7 -16.65 -11.61 12.86
CA PHE A 7 -15.58 -11.09 12.02
C PHE A 7 -14.71 -10.12 12.82
N VAL A 8 -15.18 -9.71 14.00
CA VAL A 8 -14.50 -8.71 14.80
C VAL A 8 -13.25 -9.32 15.43
N GLY A 9 -12.13 -8.58 15.34
CA GLY A 9 -10.83 -9.04 15.81
C GLY A 9 -10.04 -9.79 14.74
N LEU A 10 -10.62 -10.05 13.56
CA LEU A 10 -9.93 -10.87 12.58
C LEU A 10 -9.00 -10.02 11.74
N ARG A 11 -7.86 -10.62 11.38
CA ARG A 11 -6.96 -10.00 10.44
C ARG A 11 -7.47 -10.19 9.02
N VAL A 12 -7.29 -9.12 8.25
CA VAL A 12 -7.80 -9.02 6.89
C VAL A 12 -6.80 -8.21 6.03
N VAL A 13 -7.04 -8.22 4.72
CA VAL A 13 -6.43 -7.28 3.82
C VAL A 13 -7.57 -6.58 3.10
N ALA A 14 -7.57 -5.23 3.11
CA ALA A 14 -8.76 -4.50 2.68
C ALA A 14 -8.40 -3.24 1.92
N LYS A 15 -9.25 -2.89 0.95
CA LYS A 15 -9.10 -1.60 0.33
C LYS A 15 -10.19 -0.63 0.75
N TRP A 16 -9.85 0.66 0.69
CA TRP A 16 -10.72 1.74 1.16
C TRP A 16 -11.13 2.70 0.02
N SER A 17 -10.67 2.46 -1.22
CA SER A 17 -11.15 3.15 -2.40
C SER A 17 -11.51 2.17 -3.50
N SER A 18 -12.31 2.61 -4.48
CA SER A 18 -12.81 1.71 -5.50
C SER A 18 -11.70 1.13 -6.37
N ASN A 19 -10.69 1.96 -6.67
CA ASN A 19 -9.59 1.51 -7.52
C ASN A 19 -8.26 1.39 -6.75
N GLY A 20 -8.32 1.25 -5.43
CA GLY A 20 -7.12 1.32 -4.61
C GLY A 20 -6.50 -0.05 -4.39
N TYR A 21 -5.43 -0.01 -3.62
CA TYR A 21 -4.75 -1.22 -3.15
C TYR A 21 -5.42 -1.76 -1.89
N PHE A 22 -5.18 -3.06 -1.62
CA PHE A 22 -5.58 -3.68 -0.37
C PHE A 22 -4.43 -3.67 0.63
N TYR A 23 -4.68 -3.30 1.88
CA TYR A 23 -3.71 -3.13 2.93
C TYR A 23 -4.05 -4.01 4.13
N SER A 24 -3.05 -4.48 4.91
CA SER A 24 -3.35 -5.36 6.03
C SER A 24 -3.93 -4.51 7.17
N GLY A 25 -4.76 -5.21 7.93
CA GLY A 25 -5.41 -4.57 9.07
C GLY A 25 -6.22 -5.60 9.84
N LYS A 26 -7.08 -5.06 10.74
CA LYS A 26 -7.93 -5.85 11.61
C LYS A 26 -9.33 -5.25 11.59
N ILE A 27 -10.36 -6.10 11.62
CA ILE A 27 -11.72 -5.63 11.80
C ILE A 27 -11.92 -5.35 13.29
N THR A 28 -12.40 -4.13 13.59
CA THR A 28 -12.70 -3.73 14.97
C THR A 28 -14.21 -3.61 15.23
N ARG A 29 -15.08 -3.60 14.20
CA ARG A 29 -16.51 -3.61 14.47
C ARG A 29 -17.32 -3.82 13.20
N ASP A 30 -18.36 -4.68 13.27
CA ASP A 30 -19.45 -4.67 12.29
C ASP A 30 -20.31 -3.44 12.55
N VAL A 31 -20.31 -2.49 11.61
CA VAL A 31 -21.04 -1.24 11.82
C VAL A 31 -22.29 -1.15 10.95
N GLY A 32 -22.63 -2.22 10.20
CA GLY A 32 -23.83 -2.12 9.38
C GLY A 32 -23.70 -1.16 8.18
N ALA A 33 -24.80 -0.99 7.44
CA ALA A 33 -24.78 -0.47 6.08
C ALA A 33 -23.69 -1.20 5.28
N GLY A 34 -23.56 -2.51 5.52
CA GLY A 34 -22.64 -3.35 4.79
C GLY A 34 -21.18 -2.97 5.04
N LYS A 35 -20.90 -2.29 6.16
CA LYS A 35 -19.55 -1.78 6.39
C LYS A 35 -18.95 -2.39 7.66
N TYR A 36 -17.61 -2.35 7.73
CA TYR A 36 -16.84 -2.78 8.89
C TYR A 36 -15.83 -1.72 9.19
N LYS A 37 -15.63 -1.47 10.48
CA LYS A 37 -14.63 -0.52 10.86
C LYS A 37 -13.30 -1.27 10.94
N LEU A 38 -12.32 -0.74 10.22
CA LEU A 38 -11.05 -1.40 10.07
C LEU A 38 -9.94 -0.50 10.58
N LEU A 39 -9.08 -1.11 11.39
CA LEU A 39 -7.86 -0.49 11.83
C LEU A 39 -6.74 -1.14 11.00
N PHE A 40 -6.22 -0.32 10.09
CA PHE A 40 -5.10 -0.73 9.25
C PHE A 40 -3.81 -0.70 10.06
N ASP A 41 -2.91 -1.64 9.75
CA ASP A 41 -1.62 -1.73 10.41
C ASP A 41 -0.86 -0.40 10.27
N ASP A 42 -1.17 0.37 9.20
CA ASP A 42 -0.54 1.67 8.93
C ASP A 42 -1.12 2.77 9.84
N GLY A 43 -2.16 2.45 10.64
CA GLY A 43 -2.75 3.37 11.59
C GLY A 43 -4.09 3.99 11.14
N TYR A 44 -4.30 4.13 9.84
CA TYR A 44 -5.56 4.66 9.35
C TYR A 44 -6.71 3.77 9.85
N GLU A 45 -7.81 4.37 10.33
CA GLU A 45 -9.00 3.62 10.65
C GLU A 45 -10.13 4.18 9.81
N CYS A 46 -10.95 3.30 9.22
CA CYS A 46 -12.15 3.77 8.55
C CYS A 46 -13.09 2.60 8.32
N ASP A 47 -14.31 2.97 7.91
CA ASP A 47 -15.38 2.03 7.61
C ASP A 47 -15.24 1.63 6.14
N VAL A 48 -14.99 0.33 5.91
CA VAL A 48 -14.79 -0.13 4.56
C VAL A 48 -15.94 -1.04 4.22
N LEU A 49 -16.36 -1.05 2.96
CA LEU A 49 -17.37 -1.97 2.47
C LEU A 49 -16.89 -3.42 2.64
N GLY A 50 -17.79 -4.32 3.06
CA GLY A 50 -17.40 -5.70 3.22
C GLY A 50 -16.89 -6.34 1.92
N LYS A 51 -17.38 -5.88 0.77
CA LYS A 51 -16.96 -6.44 -0.52
C LYS A 51 -15.47 -6.17 -0.75
N ASP A 52 -14.92 -5.20 -0.04
CA ASP A 52 -13.52 -4.79 -0.23
C ASP A 52 -12.60 -5.39 0.82
N ILE A 53 -13.08 -6.41 1.53
CA ILE A 53 -12.32 -7.06 2.58
C ILE A 53 -12.00 -8.50 2.18
N LEU A 54 -10.72 -8.87 2.28
CA LEU A 54 -10.34 -10.26 2.13
C LEU A 54 -9.95 -10.81 3.50
N LEU A 55 -10.60 -11.93 3.85
CA LEU A 55 -10.40 -12.63 5.09
C LEU A 55 -9.33 -13.66 4.84
N CYS A 56 -8.11 -13.22 4.54
N CYS A 56 -8.11 -13.11 4.83
CA CYS A 56 -7.05 -14.19 4.46
CA CYS A 56 -6.91 -13.78 4.36
C CYS A 56 -5.87 -13.67 5.25
C CYS A 56 -5.84 -13.51 5.40
N ASP A 57 -5.45 -14.54 6.17
CA ASP A 57 -4.35 -14.29 7.05
C ASP A 57 -3.78 -15.62 7.45
N PRO A 58 -2.50 -15.90 7.17
CA PRO A 58 -1.65 -15.07 6.32
C PRO A 58 -2.09 -15.16 4.87
N ILE A 59 -1.58 -14.24 4.03
CA ILE A 59 -1.73 -14.38 2.59
C ILE A 59 -1.08 -15.68 2.15
N PRO A 60 -1.78 -16.56 1.40
CA PRO A 60 -1.27 -17.90 1.15
C PRO A 60 -0.07 -18.01 0.22
N LEU A 61 0.64 -19.11 0.29
CA LEU A 61 1.74 -19.45 -0.59
C LEU A 61 1.27 -19.29 -2.02
N ASP A 62 2.19 -18.79 -2.84
CA ASP A 62 2.07 -18.62 -4.27
C ASP A 62 1.10 -17.49 -4.67
N THR A 63 0.65 -16.66 -3.71
CA THR A 63 -0.14 -15.49 -4.05
C THR A 63 0.77 -14.43 -4.67
N GLU A 64 0.28 -13.82 -5.75
CA GLU A 64 0.94 -12.63 -6.32
C GLU A 64 0.55 -11.40 -5.50
N VAL A 65 1.56 -10.69 -4.99
CA VAL A 65 1.41 -9.54 -4.09
C VAL A 65 2.27 -8.40 -4.63
N THR A 66 2.18 -7.26 -3.94
CA THR A 66 3.02 -6.10 -4.17
C THR A 66 3.78 -5.82 -2.87
N ALA A 67 5.12 -5.71 -2.90
CA ALA A 67 5.89 -5.62 -1.70
C ALA A 67 6.91 -4.48 -1.85
N LEU A 68 7.14 -3.86 -0.71
CA LEU A 68 8.05 -2.74 -0.61
C LEU A 68 9.46 -3.23 -0.36
N SER A 69 10.31 -3.06 -1.37
CA SER A 69 11.71 -3.43 -1.26
C SER A 69 12.48 -2.39 -0.43
N GLU A 70 13.71 -2.76 -0.05
CA GLU A 70 14.58 -1.92 0.75
C GLU A 70 14.89 -0.60 0.05
N ASP A 71 14.88 -0.60 -1.29
CA ASP A 71 15.15 0.56 -2.09
C ASP A 71 13.96 1.53 -2.20
N GLU A 72 12.88 1.17 -1.51
CA GLU A 72 11.68 2.00 -1.35
C GLU A 72 10.81 2.00 -2.59
N TYR A 73 10.89 0.95 -3.39
CA TYR A 73 9.99 0.70 -4.48
C TYR A 73 9.09 -0.47 -4.15
N PHE A 74 7.79 -0.28 -4.34
CA PHE A 74 6.85 -1.38 -4.42
C PHE A 74 6.95 -2.00 -5.80
N SER A 75 6.89 -3.33 -5.84
CA SER A 75 6.79 -4.11 -7.08
C SER A 75 6.21 -5.49 -6.77
N ALA A 76 5.75 -6.12 -7.85
CA ALA A 76 5.09 -7.43 -7.72
C ALA A 76 6.11 -8.55 -7.35
N GLY A 77 5.60 -9.48 -6.57
CA GLY A 77 6.31 -10.69 -6.24
C GLY A 77 5.32 -11.77 -5.86
N VAL A 78 5.88 -12.92 -5.49
CA VAL A 78 5.09 -14.08 -5.12
C VAL A 78 5.47 -14.54 -3.72
N VAL A 79 4.45 -14.83 -2.92
CA VAL A 79 4.68 -15.33 -1.55
C VAL A 79 5.22 -16.77 -1.60
N LYS A 80 6.32 -16.97 -0.90
CA LYS A 80 6.97 -18.28 -0.89
C LYS A 80 7.11 -18.79 0.52
N GLY A 81 6.70 -18.06 1.52
CA GLY A 81 6.80 -18.56 2.88
C GLY A 81 6.47 -17.48 3.90
N HIS A 82 6.39 -17.86 5.16
CA HIS A 82 6.10 -16.91 6.22
CA HIS A 82 5.87 -17.12 6.29
C HIS A 82 6.74 -17.42 7.52
N ARG A 83 7.03 -16.45 8.37
CA ARG A 83 7.71 -16.66 9.65
C ARG A 83 7.02 -15.74 10.65
N LYS A 84 6.69 -16.24 11.83
CA LYS A 84 6.11 -15.38 12.85
C LYS A 84 7.09 -15.32 14.00
N GLU A 85 7.67 -14.13 14.21
CA GLU A 85 8.76 -13.96 15.14
C GLU A 85 8.21 -13.06 16.25
N SER A 86 7.72 -13.71 17.33
CA SER A 86 7.23 -13.06 18.53
C SER A 86 6.27 -11.93 18.17
N GLY A 87 5.10 -12.32 17.65
CA GLY A 87 4.05 -11.37 17.33
C GLY A 87 4.05 -10.92 15.88
N GLU A 88 5.23 -10.71 15.26
CA GLU A 88 5.31 -10.10 13.94
C GLU A 88 5.32 -11.21 12.91
N LEU A 89 4.63 -10.97 11.79
CA LEU A 89 4.65 -11.85 10.65
C LEU A 89 5.56 -11.23 9.58
N TYR A 90 6.45 -12.08 9.08
CA TYR A 90 7.25 -11.78 7.91
C TYR A 90 6.86 -12.70 6.78
N TYR A 91 6.85 -12.12 5.57
CA TYR A 91 6.65 -12.88 4.35
C TYR A 91 7.96 -13.03 3.61
N SER A 92 8.23 -14.25 3.08
CA SER A 92 9.25 -14.47 2.10
C SER A 92 8.63 -14.32 0.72
N ILE A 93 9.07 -13.29 -0.03
CA ILE A 93 8.50 -12.90 -1.32
CA ILE A 93 8.51 -12.97 -1.32
C ILE A 93 9.61 -12.99 -2.37
N GLU A 94 9.33 -13.72 -3.44
CA GLU A 94 10.27 -13.85 -4.55
C GLU A 94 9.94 -12.81 -5.63
N LYS A 95 10.98 -12.15 -6.14
CA LYS A 95 10.90 -11.24 -7.29
C LYS A 95 12.00 -11.59 -8.31
N GLU A 96 11.62 -11.96 -9.53
CA GLU A 96 12.61 -12.33 -10.54
C GLU A 96 13.64 -13.32 -9.95
N GLY A 97 13.17 -14.30 -9.19
CA GLY A 97 14.00 -15.41 -8.72
C GLY A 97 14.63 -15.21 -7.36
N GLN A 98 14.54 -14.00 -6.79
CA GLN A 98 15.22 -13.67 -5.55
C GLN A 98 14.23 -13.54 -4.41
N ARG A 99 14.50 -14.22 -3.30
CA ARG A 99 13.65 -14.18 -2.12
C ARG A 99 14.21 -13.20 -1.09
N LYS A 100 13.34 -12.33 -0.56
CA LYS A 100 13.63 -11.48 0.58
C LYS A 100 12.47 -11.59 1.57
N TRP A 101 12.73 -11.14 2.80
CA TRP A 101 11.77 -11.09 3.88
C TRP A 101 11.25 -9.67 4.07
N TYR A 102 9.93 -9.57 4.19
CA TYR A 102 9.18 -8.33 4.28
C TYR A 102 8.26 -8.37 5.49
N LYS A 103 8.17 -7.26 6.21
CA LYS A 103 7.16 -7.13 7.24
C LYS A 103 5.77 -7.19 6.63
N ARG A 104 4.79 -7.64 7.42
CA ARG A 104 3.40 -7.71 7.01
C ARG A 104 2.95 -6.38 6.38
N MET A 105 3.29 -5.24 6.98
CA MET A 105 2.74 -3.99 6.48
C MET A 105 3.44 -3.51 5.22
N ALA A 106 4.51 -4.19 4.79
CA ALA A 106 5.16 -3.92 3.52
C ALA A 106 4.57 -4.68 2.35
N VAL A 107 3.57 -5.53 2.61
CA VAL A 107 2.96 -6.38 1.60
C VAL A 107 1.50 -5.98 1.38
N ILE A 108 1.20 -5.56 0.17
CA ILE A 108 -0.11 -5.02 -0.19
C ILE A 108 -0.58 -5.73 -1.47
N LEU A 109 -1.82 -5.50 -1.90
CA LEU A 109 -2.33 -6.13 -3.10
C LEU A 109 -2.84 -5.06 -4.02
N SER A 110 -2.50 -5.11 -5.28
CA SER A 110 -3.12 -4.27 -6.29
C SER A 110 -4.58 -4.67 -6.43
N LEU A 111 -5.35 -3.86 -7.14
CA LEU A 111 -6.78 -4.21 -7.38
C LEU A 111 -6.87 -5.60 -8.01
N GLU A 112 -6.09 -5.86 -9.05
CA GLU A 112 -6.16 -7.16 -9.76
C GLU A 112 -5.70 -8.30 -8.84
N GLN A 113 -4.67 -8.05 -8.06
CA GLN A 113 -4.13 -9.11 -7.17
C GLN A 113 -5.18 -9.47 -6.10
N GLY A 114 -5.84 -8.46 -5.55
CA GLY A 114 -6.86 -8.72 -4.57
C GLY A 114 -8.08 -9.38 -5.20
N ASN A 115 -8.44 -8.94 -6.40
CA ASN A 115 -9.59 -9.48 -7.10
C ASN A 115 -9.42 -10.98 -7.30
N ARG A 116 -8.19 -11.46 -7.52
CA ARG A 116 -7.86 -12.86 -7.70
C ARG A 116 -8.22 -13.69 -6.47
N LEU A 117 -8.27 -13.07 -5.27
CA LEU A 117 -8.44 -13.78 -4.01
C LEU A 117 -9.90 -13.70 -3.55
N ARG A 118 -10.76 -12.91 -4.21
CA ARG A 118 -12.07 -12.56 -3.67
C ARG A 118 -12.97 -13.79 -3.56
N GLU A 119 -12.93 -14.66 -4.58
CA GLU A 119 -13.88 -15.78 -4.54
C GLU A 119 -13.55 -16.69 -3.37
N GLN A 120 -12.26 -16.93 -3.09
CA GLN A 120 -11.89 -17.80 -1.99
C GLN A 120 -12.01 -17.11 -0.63
N TYR A 121 -11.64 -15.83 -0.54
CA TYR A 121 -11.41 -15.21 0.76
C TYR A 121 -12.26 -13.96 1.01
N GLY A 122 -13.05 -13.55 0.03
CA GLY A 122 -13.86 -12.37 0.22
C GLY A 122 -14.87 -12.57 1.35
N LEU A 123 -15.16 -11.46 2.03
CA LEU A 123 -16.05 -11.46 3.17
C LEU A 123 -17.48 -11.38 2.64
N GLY A 124 -18.30 -12.35 3.02
CA GLY A 124 -19.67 -12.47 2.55
C GLY A 124 -19.89 -13.84 1.93
N PRO B 2 -1.94 9.68 -21.81
CA PRO B 2 -0.66 10.11 -21.24
C PRO B 2 0.23 8.97 -20.74
N GLY B 3 1.45 9.34 -20.32
CA GLY B 3 2.43 8.41 -19.79
C GLY B 3 2.49 8.45 -18.25
N SER B 4 1.34 8.33 -17.60
CA SER B 4 1.28 8.54 -16.16
C SER B 4 1.83 7.31 -15.42
N MET B 5 2.20 7.52 -14.17
CA MET B 5 2.91 6.50 -13.42
C MET B 5 2.34 6.47 -12.01
N LEU B 6 2.44 5.30 -11.40
CA LEU B 6 1.89 5.10 -10.07
C LEU B 6 2.97 5.36 -9.03
N ILE B 7 2.70 6.22 -8.05
CA ILE B 7 3.55 6.33 -6.87
C ILE B 7 2.69 6.15 -5.64
N PHE B 8 3.38 5.92 -4.52
CA PHE B 8 2.72 5.82 -3.22
C PHE B 8 3.27 6.95 -2.34
N VAL B 9 2.44 7.41 -1.39
CA VAL B 9 2.90 8.39 -0.39
C VAL B 9 2.46 7.96 1.01
N LYS B 10 3.39 7.95 1.96
CA LYS B 10 3.10 7.63 3.35
C LYS B 10 2.95 8.96 4.08
N THR B 11 1.81 9.15 4.72
CA THR B 11 1.57 10.39 5.47
C THR B 11 2.21 10.24 6.86
N LEU B 12 2.11 11.32 7.64
CA LEU B 12 2.63 11.38 9.01
C LEU B 12 1.92 10.39 9.93
N THR B 13 0.63 10.14 9.68
CA THR B 13 -0.19 9.22 10.46
C THR B 13 0.21 7.76 10.18
N GLY B 14 0.90 7.52 9.04
CA GLY B 14 1.31 6.19 8.61
C GLY B 14 0.51 5.69 7.41
N LYS B 15 -0.66 6.31 7.16
CA LYS B 15 -1.52 6.01 6.03
C LYS B 15 -0.76 6.13 4.70
N VAL B 16 -0.88 5.08 3.90
CA VAL B 16 -0.34 5.09 2.55
C VAL B 16 -1.44 5.32 1.51
N ILE B 17 -1.21 6.27 0.63
CA ILE B 17 -2.08 6.55 -0.49
C ILE B 17 -1.32 6.25 -1.77
N HIS B 18 -2.06 6.16 -2.89
CA HIS B 18 -1.43 6.06 -4.20
C HIS B 18 -1.84 7.28 -5.03
N LEU B 19 -0.99 7.70 -5.96
CA LEU B 19 -1.28 8.80 -6.86
C LEU B 19 -0.85 8.38 -8.25
N GLU B 20 -1.48 8.95 -9.24
CA GLU B 20 -0.98 8.87 -10.60
C GLU B 20 -0.31 10.21 -10.86
N VAL B 21 0.92 10.13 -11.37
CA VAL B 21 1.73 11.29 -11.62
C VAL B 21 2.32 11.14 -13.02
N GLU B 22 2.81 12.23 -13.59
CA GLU B 22 3.58 12.09 -14.82
C GLU B 22 5.03 12.44 -14.48
N PRO B 23 6.01 11.90 -15.24
CA PRO B 23 7.42 12.11 -14.94
C PRO B 23 7.81 13.59 -14.94
N SER B 24 6.96 14.43 -15.56
CA SER B 24 7.06 15.87 -15.69
C SER B 24 6.41 16.69 -14.57
N ASP B 25 5.67 16.03 -13.68
CA ASP B 25 5.07 16.73 -12.56
C ASP B 25 6.16 17.26 -11.64
N THR B 26 5.90 18.46 -11.11
CA THR B 26 6.78 19.10 -10.13
C THR B 26 6.39 18.59 -8.76
N ILE B 27 7.33 18.74 -7.83
CA ILE B 27 7.02 18.45 -6.45
C ILE B 27 5.80 19.24 -5.96
N GLU B 28 5.63 20.52 -6.37
CA GLU B 28 4.50 21.30 -5.92
C GLU B 28 3.19 20.72 -6.42
N ASN B 29 3.21 20.22 -7.67
CA ASN B 29 2.09 19.55 -8.27
C ASN B 29 1.77 18.26 -7.50
N VAL B 30 2.80 17.49 -7.12
CA VAL B 30 2.56 16.29 -6.30
C VAL B 30 1.93 16.66 -4.94
N LYS B 31 2.38 17.79 -4.33
CA LYS B 31 1.83 18.21 -3.05
C LYS B 31 0.38 18.63 -3.23
N ALA B 32 0.07 19.17 -4.42
CA ALA B 32 -1.28 19.62 -4.73
C ALA B 32 -2.18 18.40 -4.92
N LYS B 33 -1.59 17.31 -5.45
CA LYS B 33 -2.36 16.07 -5.56
C LYS B 33 -2.61 15.40 -4.20
N ILE B 34 -1.62 15.42 -3.31
CA ILE B 34 -1.77 14.98 -1.94
C ILE B 34 -2.84 15.83 -1.26
N GLN B 35 -2.81 17.15 -1.50
CA GLN B 35 -3.82 18.02 -0.91
C GLN B 35 -5.22 17.61 -1.40
N ASP B 36 -5.36 17.48 -2.73
CA ASP B 36 -6.61 17.05 -3.34
C ASP B 36 -7.13 15.73 -2.74
N LYS B 37 -6.25 14.80 -2.33
CA LYS B 37 -6.71 13.48 -1.92
C LYS B 37 -6.85 13.42 -0.40
N GLU B 38 -5.91 14.08 0.33
CA GLU B 38 -5.81 13.89 1.77
C GLU B 38 -6.10 15.17 2.56
N GLY B 39 -6.24 16.31 1.86
CA GLY B 39 -6.60 17.56 2.51
C GLY B 39 -5.44 18.19 3.28
N ILE B 40 -4.26 17.55 3.24
CA ILE B 40 -3.10 18.07 3.94
C ILE B 40 -2.66 19.30 3.18
N PRO B 41 -2.77 20.51 3.76
CA PRO B 41 -2.23 21.70 3.11
C PRO B 41 -0.77 21.51 2.69
N PRO B 42 -0.38 21.98 1.48
CA PRO B 42 1.01 21.89 1.04
C PRO B 42 1.99 22.56 2.01
N ASP B 43 1.53 23.59 2.74
CA ASP B 43 2.38 24.26 3.72
C ASP B 43 2.74 23.29 4.86
N GLN B 44 2.01 22.18 5.01
CA GLN B 44 2.38 21.18 6.01
C GLN B 44 3.30 20.09 5.41
N GLN B 45 3.63 20.12 4.09
CA GLN B 45 4.13 18.91 3.41
C GLN B 45 5.62 19.03 3.05
N ARG B 46 6.42 18.13 3.62
CA ARG B 46 7.83 17.91 3.33
C ARG B 46 7.97 16.49 2.78
N LEU B 47 8.36 16.38 1.50
CA LEU B 47 8.45 15.07 0.85
C LEU B 47 9.90 14.59 0.76
N ALA B 48 10.08 13.27 0.81
CA ALA B 48 11.39 12.69 0.58
C ALA B 48 11.21 11.35 -0.12
N PHE B 49 12.25 10.97 -0.86
CA PHE B 49 12.34 9.65 -1.42
C PHE B 49 13.64 9.02 -0.97
N ALA B 50 13.51 7.88 -0.28
CA ALA B 50 14.66 7.13 0.21
C ALA B 50 15.55 8.11 1.00
N GLY B 51 14.91 8.99 1.76
CA GLY B 51 15.62 9.85 2.70
C GLY B 51 16.19 11.13 2.08
N LYS B 52 16.00 11.34 0.76
CA LYS B 52 16.46 12.55 0.08
C LYS B 52 15.26 13.50 -0.03
N SER B 53 15.43 14.74 0.42
CA SER B 53 14.40 15.77 0.29
C SER B 53 14.10 16.08 -1.17
N LEU B 54 12.80 16.19 -1.49
CA LEU B 54 12.38 16.57 -2.82
C LEU B 54 11.89 18.00 -2.73
N GLU B 55 12.52 18.85 -3.49
CA GLU B 55 12.32 20.28 -3.31
C GLU B 55 11.45 20.84 -4.43
N ASP B 56 10.68 21.87 -4.07
CA ASP B 56 9.85 22.58 -5.04
C ASP B 56 10.65 23.00 -6.29
N GLY B 57 10.01 22.85 -7.45
CA GLY B 57 10.50 23.32 -8.74
C GLY B 57 11.35 22.33 -9.52
N ARG B 58 11.55 21.15 -8.94
CA ARG B 58 12.12 20.05 -9.69
C ARG B 58 10.93 19.14 -10.02
N THR B 59 11.18 18.23 -10.95
CA THR B 59 10.26 17.17 -11.30
C THR B 59 10.77 15.87 -10.70
N LEU B 60 9.91 14.84 -10.71
CA LEU B 60 10.28 13.52 -10.25
C LEU B 60 11.47 13.00 -11.06
N SER B 61 11.43 13.25 -12.37
CA SER B 61 12.50 12.81 -13.27
C SER B 61 13.84 13.47 -12.91
N ASP B 62 13.81 14.72 -12.46
CA ASP B 62 15.03 15.39 -12.02
C ASP B 62 15.75 14.61 -10.93
N TYR B 63 14.99 13.83 -10.14
CA TYR B 63 15.58 13.12 -9.03
C TYR B 63 15.84 11.65 -9.39
N ASN B 64 15.52 11.24 -10.61
CA ASN B 64 15.78 9.85 -11.00
C ASN B 64 14.99 8.90 -10.11
N ILE B 65 13.74 9.27 -9.78
CA ILE B 65 12.90 8.48 -8.89
C ILE B 65 12.09 7.47 -9.70
N LEU B 66 11.62 7.90 -10.88
CA LEU B 66 10.69 7.09 -11.67
C LEU B 66 11.50 6.15 -12.55
N LYS B 67 11.12 4.87 -12.54
CA LYS B 67 11.82 3.86 -13.31
C LYS B 67 10.88 3.42 -14.44
N ASP B 68 10.58 2.10 -14.49
CA ASP B 68 9.57 1.58 -15.37
C ASP B 68 8.21 1.52 -14.65
N SER B 69 7.18 1.12 -15.37
CA SER B 69 5.84 1.04 -14.81
C SER B 69 5.65 -0.10 -13.81
N LYS B 70 6.63 -0.96 -13.62
CA LYS B 70 6.55 -2.09 -12.71
C LYS B 70 7.07 -1.74 -11.32
N HIS B 71 7.74 -0.58 -11.10
CA HIS B 71 8.35 -0.30 -9.82
C HIS B 71 7.80 1.04 -9.36
N HIS B 72 7.10 1.06 -8.24
CA HIS B 72 6.31 2.23 -7.81
C HIS B 72 7.03 2.77 -6.59
N PRO B 73 7.58 3.99 -6.65
CA PRO B 73 8.33 4.52 -5.49
C PRO B 73 7.34 4.93 -4.37
N LEU B 74 7.78 4.72 -3.13
CA LEU B 74 7.06 5.22 -1.97
C LEU B 74 7.77 6.49 -1.56
N LEU B 75 7.08 7.62 -1.70
CA LEU B 75 7.51 8.88 -1.10
C LEU B 75 7.03 8.89 0.36
N ARG B 76 7.73 9.62 1.21
CA ARG B 76 7.31 9.78 2.60
C ARG B 76 7.21 11.25 2.98
N LEU B 77 6.13 11.58 3.67
CA LEU B 77 6.04 12.93 4.20
C LEU B 77 6.81 12.98 5.50
N ARG B 78 7.37 14.15 5.83
CA ARG B 78 8.16 14.32 7.05
C ARG B 78 8.09 15.80 7.48
C1 GOL C . 6.59 -0.75 5.49
O1 GOL C . 6.89 -1.54 6.63
C2 GOL C . 5.65 0.38 5.84
O2 GOL C . 6.29 1.64 5.63
C3 GOL C . 4.37 0.33 5.05
O3 GOL C . 3.81 1.63 4.90
#